data_1JDH
#
_entry.id   1JDH
#
_cell.length_a   49.770
_cell.length_b   76.033
_cell.length_c   159.129
_cell.angle_alpha   90.00
_cell.angle_beta   90.00
_cell.angle_gamma   90.00
#
_symmetry.space_group_name_H-M   'P 21 21 21'
#
loop_
_entity.id
_entity.type
_entity.pdbx_description
1 polymer BETA-CATENIN
2 polymer hTcf-4
3 water water
#
loop_
_entity_poly.entity_id
_entity_poly.type
_entity_poly.pdbx_seq_one_letter_code
_entity_poly.pdbx_strand_id
1 'polypeptide(L)'
;AVVNLINYQDDAELATRAIPELTKLLNDEDQVVVNKAAVMVHQLSKKEASRHAIMRSPQMVSAIVRTMQNTNDVETARCT
AGTLHNLSHHREGLLAIFKSGGIPALVKMLGSPVDSVLFYAITTLHNLLLHQEGAKMAVRLAGGLQKMVALLNKTNVKFL
AITTDCLQILAYGNQESKLIILASGGPQALVNIMRTYTYEKLLWTTSRVLKVLSVCSSNKPAIVEAGGMQALGLHLTDPS
QRLVQNCLWTLRNLSDAATKQEGMEGLLGTLVQLLGSDDINVVTCAAGILSNLTCNNYKNKMMVCQVGGIEALVRTVLRA
GDREDITEPAICALRHLTSRHQEAEMAQNAVRLHYGLPVVVKLLHPPSHWPLIKATVGLIRNLALCPANHAPLREQGAIP
RLVQLLVRAHQDTQRRTSMGGTQQQFVEGVRMEEIVEGCTGALHILARDVHNRIVIRGLNTIPLFVQLLYSPIENIQRVA
AGVLCELAQDKEAAEAIEAEGATAPLTELLHSRNEGVATYAAAVLFRMS
;
A
2 'polypeptide(L)' LGANDELISFKDEGEQEEKSSENSSAERDLADVKSSLV B
#
# COMPACT_ATOMS: atom_id res chain seq x y z
N ALA A 1 60.76 35.18 30.78
CA ALA A 1 61.44 35.40 29.47
C ALA A 1 60.41 35.36 28.35
N VAL A 2 59.78 34.20 28.15
CA VAL A 2 58.77 34.04 27.11
C VAL A 2 57.50 34.74 27.56
N VAL A 3 57.10 35.80 26.85
CA VAL A 3 55.90 36.55 27.20
C VAL A 3 54.78 36.40 26.19
N ASN A 4 53.71 37.16 26.41
CA ASN A 4 52.52 37.14 25.54
C ASN A 4 51.78 35.81 25.61
N LEU A 5 51.76 35.22 26.81
CA LEU A 5 51.08 33.95 27.03
C LEU A 5 49.78 34.21 27.78
N ILE A 6 48.82 33.30 27.63
CA ILE A 6 47.52 33.43 28.30
C ILE A 6 47.13 32.11 28.95
N ARG A 17 40.64 38.87 16.41
CA ARG A 17 41.68 38.63 15.39
C ARG A 17 42.04 37.15 15.29
N ALA A 18 41.53 36.36 16.24
CA ALA A 18 41.78 34.93 16.27
C ALA A 18 41.24 34.21 15.04
N ILE A 19 40.04 34.57 14.60
CA ILE A 19 39.44 33.94 13.43
C ILE A 19 40.24 34.24 12.17
N PRO A 20 40.50 35.52 11.89
CA PRO A 20 41.27 35.88 10.69
C PRO A 20 42.65 35.23 10.65
N GLU A 21 43.19 34.90 11.83
CA GLU A 21 44.50 34.28 11.92
C GLU A 21 44.39 32.78 11.62
N LEU A 22 43.39 32.14 12.23
CA LEU A 22 43.17 30.71 12.02
C LEU A 22 42.79 30.40 10.57
N THR A 23 42.02 31.28 9.94
CA THR A 23 41.62 31.06 8.56
C THR A 23 42.85 31.04 7.66
N LYS A 24 43.87 31.82 8.02
CA LYS A 24 45.10 31.88 7.24
C LYS A 24 45.88 30.58 7.42
N LEU A 25 45.90 30.09 8.65
CA LEU A 25 46.62 28.86 8.98
C LEU A 25 46.02 27.63 8.30
N LEU A 26 44.68 27.61 8.16
CA LEU A 26 44.03 26.48 7.51
C LEU A 26 44.35 26.52 6.02
N ASN A 27 44.69 27.71 5.53
CA ASN A 27 45.03 27.90 4.12
C ASN A 27 46.51 27.65 3.86
N ASP A 28 47.28 27.43 4.92
CA ASP A 28 48.71 27.21 4.78
C ASP A 28 48.98 25.95 3.95
N GLU A 29 50.02 26.01 3.12
CA GLU A 29 50.37 24.87 2.28
C GLU A 29 50.95 23.73 3.12
N ASP A 30 51.47 24.07 4.30
CA ASP A 30 52.05 23.10 5.21
C ASP A 30 50.89 22.36 5.90
N GLN A 31 50.81 21.05 5.69
CA GLN A 31 49.72 20.28 6.26
C GLN A 31 49.80 20.08 7.77
N VAL A 32 51.01 20.08 8.32
CA VAL A 32 51.17 19.93 9.77
C VAL A 32 50.55 21.16 10.42
N VAL A 33 50.68 22.31 9.75
CA VAL A 33 50.14 23.56 10.25
C VAL A 33 48.62 23.53 10.13
N VAL A 34 48.13 23.01 9.01
CA VAL A 34 46.69 22.90 8.79
C VAL A 34 46.07 22.01 9.87
N ASN A 35 46.71 20.88 10.14
CA ASN A 35 46.22 19.94 11.14
C ASN A 35 46.10 20.59 12.52
N LYS A 36 47.13 21.32 12.93
CA LYS A 36 47.11 21.98 14.23
C LYS A 36 46.07 23.09 14.28
N ALA A 37 45.92 23.84 13.20
CA ALA A 37 44.94 24.91 13.14
C ALA A 37 43.53 24.33 13.19
N ALA A 38 43.34 23.18 12.55
CA ALA A 38 42.05 22.52 12.51
C ALA A 38 41.60 22.17 13.93
N VAL A 39 42.53 21.67 14.73
CA VAL A 39 42.21 21.32 16.12
C VAL A 39 41.77 22.54 16.90
N MET A 40 42.49 23.65 16.74
CA MET A 40 42.15 24.89 17.43
C MET A 40 40.77 25.40 17.04
N VAL A 41 40.48 25.40 15.74
CA VAL A 41 39.18 25.86 15.27
C VAL A 41 38.07 25.02 15.90
N HIS A 42 38.27 23.71 15.94
CA HIS A 42 37.26 22.83 16.53
C HIS A 42 37.02 23.16 18.00
N GLN A 43 38.10 23.33 18.77
CA GLN A 43 37.96 23.65 20.19
C GLN A 43 37.17 24.96 20.34
N LEU A 44 37.42 25.91 19.46
CA LEU A 44 36.71 27.18 19.51
C LEU A 44 35.24 27.08 19.14
N SER A 45 34.90 26.14 18.27
CA SER A 45 33.49 25.99 17.85
C SER A 45 32.63 25.47 18.99
N LYS A 46 33.26 24.93 20.03
CA LYS A 46 32.54 24.40 21.18
C LYS A 46 31.92 25.50 22.04
N LYS A 47 32.42 26.72 21.90
CA LYS A 47 31.91 27.85 22.68
C LYS A 47 31.04 28.78 21.84
N GLU A 48 29.84 29.05 22.33
CA GLU A 48 28.89 29.93 21.64
C GLU A 48 29.52 31.24 21.20
N ALA A 49 30.35 31.81 22.07
CA ALA A 49 31.02 33.07 21.77
C ALA A 49 31.88 32.96 20.53
N SER A 50 32.73 31.94 20.48
CA SER A 50 33.61 31.73 19.34
C SER A 50 32.86 31.24 18.11
N ARG A 51 31.68 30.65 18.32
CA ARG A 51 30.87 30.15 17.21
C ARG A 51 30.44 31.24 16.26
N HIS A 52 29.75 32.25 16.79
CA HIS A 52 29.27 33.36 15.99
C HIS A 52 30.39 33.99 15.17
N ALA A 53 31.57 34.12 15.77
CA ALA A 53 32.73 34.69 15.09
C ALA A 53 33.10 33.85 13.88
N ILE A 54 32.98 32.54 14.01
CA ILE A 54 33.28 31.62 12.93
C ILE A 54 32.19 31.67 11.86
N MET A 55 30.94 31.57 12.30
CA MET A 55 29.79 31.60 11.40
C MET A 55 29.74 32.86 10.55
N ARG A 56 30.16 33.99 11.12
CA ARG A 56 30.13 35.26 10.41
C ARG A 56 31.28 35.48 9.43
N SER A 57 32.24 34.56 9.39
CA SER A 57 33.38 34.68 8.48
C SER A 57 33.27 33.78 7.26
N PRO A 58 32.85 34.34 6.12
CA PRO A 58 32.72 33.53 4.91
C PRO A 58 34.01 32.77 4.57
N GLN A 59 35.15 33.43 4.75
CA GLN A 59 36.43 32.81 4.44
C GLN A 59 36.79 31.69 5.42
N MET A 60 36.40 31.85 6.67
CA MET A 60 36.66 30.83 7.70
C MET A 60 35.92 29.55 7.33
N VAL A 61 34.61 29.67 7.15
CA VAL A 61 33.77 28.53 6.81
C VAL A 61 34.26 27.80 5.55
N SER A 62 34.57 28.57 4.52
CA SER A 62 35.04 28.01 3.26
C SER A 62 36.33 27.21 3.46
N ALA A 63 37.22 27.72 4.29
CA ALA A 63 38.48 27.06 4.58
C ALA A 63 38.21 25.77 5.36
N ILE A 64 37.24 25.80 6.26
CA ILE A 64 36.91 24.62 7.04
C ILE A 64 36.36 23.53 6.11
N VAL A 65 35.48 23.95 5.21
CA VAL A 65 34.85 23.04 4.25
C VAL A 65 35.87 22.44 3.28
N ARG A 66 36.77 23.28 2.78
CA ARG A 66 37.80 22.83 1.84
C ARG A 66 38.77 21.84 2.48
N THR A 67 39.20 22.16 3.69
CA THR A 67 40.14 21.31 4.42
C THR A 67 39.54 19.94 4.67
N MET A 68 38.29 19.92 5.12
CA MET A 68 37.60 18.67 5.42
C MET A 68 37.62 17.68 4.25
N GLN A 69 37.19 18.12 3.07
CA GLN A 69 37.17 17.24 1.91
C GLN A 69 38.50 16.99 1.21
N ASN A 70 39.52 17.79 1.52
CA ASN A 70 40.82 17.62 0.89
C ASN A 70 41.86 16.94 1.76
N THR A 71 41.72 17.07 3.08
CA THR A 71 42.70 16.47 4.00
C THR A 71 42.79 14.94 3.92
N ASN A 72 43.95 14.42 4.29
CA ASN A 72 44.21 12.99 4.29
C ASN A 72 44.43 12.54 5.74
N ASP A 73 44.37 13.49 6.66
CA ASP A 73 44.55 13.23 8.08
C ASP A 73 43.20 13.01 8.73
N VAL A 74 43.03 11.86 9.37
CA VAL A 74 41.76 11.51 10.02
C VAL A 74 41.35 12.46 11.14
N GLU A 75 42.32 12.96 11.90
CA GLU A 75 42.00 13.88 12.99
C GLU A 75 41.55 15.22 12.41
N THR A 76 42.14 15.63 11.29
CA THR A 76 41.76 16.89 10.66
C THR A 76 40.34 16.76 10.08
N ALA A 77 40.06 15.61 9.50
CA ALA A 77 38.74 15.35 8.93
C ALA A 77 37.72 15.40 10.06
N ARG A 78 38.05 14.74 11.17
CA ARG A 78 37.19 14.69 12.34
C ARG A 78 36.93 16.09 12.92
N CYS A 79 37.99 16.87 13.11
CA CYS A 79 37.87 18.21 13.66
C CYS A 79 37.08 19.18 12.79
N THR A 80 37.31 19.17 11.48
CA THR A 80 36.59 20.09 10.60
C THR A 80 35.12 19.68 10.44
N ALA A 81 34.87 18.36 10.38
CA ALA A 81 33.49 17.88 10.26
C ALA A 81 32.75 18.20 11.56
N GLY A 82 33.45 18.05 12.69
CA GLY A 82 32.84 18.34 13.97
C GLY A 82 32.57 19.84 14.12
N THR A 83 33.43 20.65 13.54
CA THR A 83 33.28 22.10 13.59
C THR A 83 32.00 22.49 12.84
N LEU A 84 31.83 21.93 11.64
CA LEU A 84 30.65 22.21 10.83
C LEU A 84 29.39 21.75 11.55
N HIS A 85 29.47 20.58 12.20
CA HIS A 85 28.31 20.09 12.93
C HIS A 85 27.93 21.10 14.00
N ASN A 86 28.93 21.62 14.71
CA ASN A 86 28.68 22.60 15.76
C ASN A 86 28.06 23.90 15.22
N LEU A 87 28.37 24.24 13.98
CA LEU A 87 27.81 25.46 13.38
C LEU A 87 26.39 25.23 12.86
N SER A 88 26.03 23.96 12.62
CA SER A 88 24.71 23.61 12.10
C SER A 88 23.52 23.76 13.06
N HIS A 89 23.78 24.18 14.29
CA HIS A 89 22.71 24.35 15.26
C HIS A 89 22.05 25.71 15.16
N HIS A 90 22.57 26.55 14.27
CA HIS A 90 22.04 27.89 14.11
C HIS A 90 21.77 28.19 12.65
N ARG A 91 20.69 28.93 12.39
CA ARG A 91 20.31 29.30 11.03
C ARG A 91 21.48 29.92 10.29
N GLU A 92 22.17 30.84 10.95
CA GLU A 92 23.32 31.51 10.35
C GLU A 92 24.41 30.51 9.98
N GLY A 93 24.59 29.50 10.83
CA GLY A 93 25.59 28.48 10.57
C GLY A 93 25.18 27.64 9.37
N LEU A 94 23.92 27.21 9.37
CA LEU A 94 23.39 26.40 8.28
C LEU A 94 23.55 27.11 6.94
N LEU A 95 23.22 28.41 6.92
CA LEU A 95 23.32 29.18 5.70
C LEU A 95 24.76 29.25 5.20
N ALA A 96 25.68 29.56 6.11
CA ALA A 96 27.09 29.66 5.76
C ALA A 96 27.63 28.35 5.20
N ILE A 97 27.27 27.25 5.85
CA ILE A 97 27.71 25.93 5.38
C ILE A 97 27.16 25.72 3.97
N PHE A 98 25.88 26.02 3.80
CA PHE A 98 25.19 25.87 2.54
C PHE A 98 25.84 26.70 1.41
N LYS A 99 26.03 27.98 1.66
CA LYS A 99 26.61 28.88 0.67
C LYS A 99 28.10 28.66 0.38
N SER A 100 28.78 27.93 1.27
CA SER A 100 30.20 27.67 1.11
C SER A 100 30.51 26.32 0.49
N GLY A 101 29.52 25.70 -0.14
CA GLY A 101 29.74 24.40 -0.75
C GLY A 101 29.84 23.25 0.25
N GLY A 102 29.22 23.43 1.41
CA GLY A 102 29.26 22.41 2.44
C GLY A 102 28.55 21.10 2.12
N ILE A 103 27.45 21.17 1.38
CA ILE A 103 26.72 19.95 1.06
C ILE A 103 27.52 18.94 0.24
N PRO A 104 28.15 19.39 -0.87
CA PRO A 104 28.93 18.42 -1.65
C PRO A 104 30.06 17.83 -0.79
N ALA A 105 30.64 18.67 0.07
CA ALA A 105 31.71 18.25 0.95
C ALA A 105 31.21 17.20 1.93
N LEU A 106 30.08 17.48 2.56
CA LEU A 106 29.50 16.55 3.52
C LEU A 106 29.11 15.23 2.87
N VAL A 107 28.52 15.30 1.68
CA VAL A 107 28.13 14.07 0.97
C VAL A 107 29.36 13.22 0.71
N LYS A 108 30.46 13.86 0.33
CA LYS A 108 31.70 13.13 0.07
C LYS A 108 32.15 12.44 1.36
N MET A 109 31.97 13.12 2.49
CA MET A 109 32.37 12.58 3.78
C MET A 109 31.57 11.34 4.18
N LEU A 110 30.41 11.14 3.55
CA LEU A 110 29.58 9.97 3.83
C LEU A 110 30.29 8.71 3.38
N GLY A 111 31.38 8.87 2.62
CA GLY A 111 32.13 7.72 2.16
C GLY A 111 33.31 7.41 3.06
N SER A 112 33.43 8.18 4.14
CA SER A 112 34.53 7.99 5.09
C SER A 112 34.47 6.68 5.87
N PRO A 113 35.63 6.03 6.07
CA PRO A 113 35.71 4.77 6.80
C PRO A 113 35.72 4.98 8.32
N VAL A 114 35.73 6.23 8.75
CA VAL A 114 35.73 6.53 10.17
C VAL A 114 34.35 6.97 10.66
N ASP A 115 33.87 6.28 11.70
CA ASP A 115 32.56 6.55 12.28
C ASP A 115 32.32 7.99 12.72
N SER A 116 33.21 8.55 13.55
CA SER A 116 33.02 9.92 14.03
C SER A 116 32.76 10.90 12.89
N VAL A 117 33.49 10.73 11.79
CA VAL A 117 33.32 11.59 10.62
C VAL A 117 31.95 11.36 9.97
N LEU A 118 31.57 10.10 9.79
CA LEU A 118 30.27 9.76 9.20
C LEU A 118 29.13 10.32 10.03
N PHE A 119 29.24 10.18 11.35
CA PHE A 119 28.20 10.67 12.25
C PHE A 119 28.05 12.19 12.19
N TYR A 120 29.16 12.92 12.20
CA TYR A 120 29.09 14.38 12.11
C TYR A 120 28.43 14.77 10.78
N ALA A 121 28.84 14.08 9.72
CA ALA A 121 28.32 14.35 8.38
C ALA A 121 26.82 14.10 8.22
N ILE A 122 26.37 12.91 8.59
CA ILE A 122 24.95 12.60 8.44
C ILE A 122 24.08 13.48 9.35
N THR A 123 24.55 13.77 10.56
CA THR A 123 23.76 14.61 11.47
C THR A 123 23.68 16.04 10.99
N THR A 124 24.79 16.54 10.43
CA THR A 124 24.82 17.91 9.92
C THR A 124 23.95 17.98 8.66
N LEU A 125 23.98 16.92 7.85
CA LEU A 125 23.15 16.90 6.65
C LEU A 125 21.68 16.89 7.05
N HIS A 126 21.33 16.12 8.08
CA HIS A 126 19.95 16.07 8.56
C HIS A 126 19.51 17.48 8.97
N ASN A 127 20.39 18.20 9.66
CA ASN A 127 20.06 19.55 10.10
C ASN A 127 19.82 20.46 8.90
N LEU A 128 20.63 20.31 7.87
CA LEU A 128 20.49 21.11 6.66
C LEU A 128 19.13 20.79 5.99
N LEU A 129 18.84 19.50 5.86
CA LEU A 129 17.60 19.05 5.23
C LEU A 129 16.35 19.53 5.97
N LEU A 130 16.43 19.62 7.28
CA LEU A 130 15.28 20.07 8.05
C LEU A 130 15.06 21.57 8.01
N HIS A 131 16.13 22.36 8.10
CA HIS A 131 15.95 23.80 8.16
C HIS A 131 16.54 24.72 7.09
N GLN A 132 17.29 24.20 6.13
CA GLN A 132 17.87 25.07 5.12
C GLN A 132 17.18 24.98 3.76
N GLU A 133 16.51 26.06 3.37
CA GLU A 133 15.83 26.11 2.09
C GLU A 133 16.87 25.87 1.00
N GLY A 134 16.61 24.90 0.12
CA GLY A 134 17.53 24.59 -0.95
C GLY A 134 18.43 23.40 -0.66
N ALA A 135 18.41 22.92 0.58
CA ALA A 135 19.25 21.79 0.96
C ALA A 135 18.85 20.46 0.31
N LYS A 136 17.55 20.20 0.19
CA LYS A 136 17.11 18.94 -0.40
C LYS A 136 17.65 18.79 -1.82
N MET A 137 17.43 19.80 -2.65
CA MET A 137 17.88 19.78 -4.03
C MET A 137 19.39 19.57 -4.12
N ALA A 138 20.14 20.30 -3.31
CA ALA A 138 21.58 20.21 -3.30
C ALA A 138 22.05 18.80 -2.94
N VAL A 139 21.41 18.19 -1.95
CA VAL A 139 21.82 16.85 -1.55
C VAL A 139 21.54 15.86 -2.68
N ARG A 140 20.37 15.99 -3.32
CA ARG A 140 20.04 15.11 -4.43
C ARG A 140 21.08 15.28 -5.54
N LEU A 141 21.38 16.51 -5.91
CA LEU A 141 22.36 16.77 -6.96
C LEU A 141 23.75 16.22 -6.61
N ALA A 142 24.15 16.39 -5.36
CA ALA A 142 25.46 15.94 -4.90
C ALA A 142 25.58 14.42 -4.86
N GLY A 143 24.45 13.73 -5.05
CA GLY A 143 24.49 12.27 -5.01
C GLY A 143 24.30 11.70 -3.61
N GLY A 144 23.69 12.48 -2.73
CA GLY A 144 23.46 12.04 -1.37
C GLY A 144 22.60 10.80 -1.23
N LEU A 145 21.53 10.73 -2.02
CA LEU A 145 20.63 9.58 -1.98
C LEU A 145 21.39 8.27 -2.14
N GLN A 146 22.24 8.20 -3.18
CA GLN A 146 23.01 6.99 -3.45
C GLN A 146 23.95 6.65 -2.30
N LYS A 147 24.61 7.65 -1.75
CA LYS A 147 25.54 7.45 -0.63
C LYS A 147 24.80 6.94 0.61
N MET A 148 23.65 7.55 0.89
CA MET A 148 22.86 7.16 2.05
C MET A 148 22.34 5.73 1.99
N VAL A 149 21.80 5.31 0.84
CA VAL A 149 21.31 3.95 0.72
C VAL A 149 22.43 2.94 0.96
N ALA A 150 23.61 3.23 0.41
CA ALA A 150 24.77 2.37 0.58
C ALA A 150 25.16 2.17 2.04
N LEU A 151 24.88 3.18 2.86
CA LEU A 151 25.20 3.15 4.29
C LEU A 151 24.20 2.37 5.15
N LEU A 152 23.10 1.93 4.55
CA LEU A 152 22.07 1.21 5.29
C LEU A 152 22.52 -0.17 5.78
N ASN A 153 23.73 -0.59 5.40
CA ASN A 153 24.24 -1.87 5.87
C ASN A 153 25.04 -1.67 7.15
N LYS A 154 25.13 -0.42 7.61
CA LYS A 154 25.83 -0.11 8.86
C LYS A 154 24.96 -0.73 9.96
N THR A 155 25.52 -0.90 11.16
CA THR A 155 24.75 -1.52 12.23
C THR A 155 24.41 -0.67 13.46
N ASN A 156 24.83 0.60 13.46
CA ASN A 156 24.51 1.49 14.59
C ASN A 156 23.07 1.96 14.37
N VAL A 157 22.14 1.48 15.20
CA VAL A 157 20.73 1.85 15.02
C VAL A 157 20.39 3.34 15.08
N LYS A 158 21.14 4.12 15.86
CA LYS A 158 20.88 5.55 15.92
C LYS A 158 21.28 6.20 14.59
N PHE A 159 22.43 5.78 14.06
CA PHE A 159 22.93 6.28 12.78
C PHE A 159 21.91 5.91 11.71
N LEU A 160 21.46 4.66 11.72
CA LEU A 160 20.49 4.20 10.73
C LEU A 160 19.19 5.00 10.78
N ALA A 161 18.79 5.41 11.98
CA ALA A 161 17.56 6.18 12.14
C ALA A 161 17.68 7.57 11.50
N ILE A 162 18.83 8.19 11.64
CA ILE A 162 19.05 9.51 11.07
C ILE A 162 19.19 9.40 9.55
N THR A 163 19.87 8.35 9.11
CA THR A 163 20.08 8.13 7.68
C THR A 163 18.75 7.86 6.97
N THR A 164 17.93 6.98 7.54
CA THR A 164 16.64 6.68 6.93
C THR A 164 15.72 7.91 6.94
N ASP A 165 15.80 8.75 7.97
CA ASP A 165 14.92 9.91 7.99
C ASP A 165 15.36 10.88 6.90
N CYS A 166 16.67 10.98 6.66
CA CYS A 166 17.16 11.84 5.60
C CYS A 166 16.53 11.36 4.28
N LEU A 167 16.50 10.05 4.06
CA LEU A 167 15.92 9.48 2.86
C LEU A 167 14.44 9.82 2.72
N GLN A 168 13.73 9.82 3.85
CA GLN A 168 12.32 10.15 3.88
C GLN A 168 12.09 11.60 3.47
N ILE A 169 12.91 12.50 4.00
CA ILE A 169 12.79 13.91 3.69
C ILE A 169 13.03 14.17 2.20
N LEU A 170 14.04 13.49 1.66
CA LEU A 170 14.40 13.66 0.26
C LEU A 170 13.44 13.01 -0.74
N ALA A 171 12.84 11.90 -0.34
CA ALA A 171 11.95 11.15 -1.23
C ALA A 171 10.49 11.60 -1.23
N TYR A 172 10.02 12.19 -0.13
CA TYR A 172 8.64 12.63 -0.02
C TYR A 172 8.19 13.51 -1.18
N GLY A 173 7.12 13.08 -1.84
CA GLY A 173 6.58 13.82 -2.97
C GLY A 173 7.52 14.02 -4.14
N ASN A 174 8.57 13.20 -4.22
CA ASN A 174 9.54 13.34 -5.32
C ASN A 174 9.79 12.00 -6.00
N GLN A 175 9.02 11.75 -7.06
CA GLN A 175 9.12 10.51 -7.83
C GLN A 175 10.53 10.20 -8.31
N GLU A 176 11.27 11.22 -8.71
CA GLU A 176 12.63 11.00 -9.19
C GLU A 176 13.56 10.45 -8.10
N SER A 177 13.43 10.98 -6.89
CA SER A 177 14.25 10.52 -5.78
C SER A 177 13.92 9.08 -5.42
N LYS A 178 12.64 8.72 -5.50
CA LYS A 178 12.21 7.36 -5.20
C LYS A 178 12.83 6.40 -6.19
N LEU A 179 12.90 6.81 -7.45
CA LEU A 179 13.51 5.97 -8.48
C LEU A 179 15.00 5.80 -8.21
N ILE A 180 15.64 6.86 -7.71
CA ILE A 180 17.08 6.77 -7.42
C ILE A 180 17.30 5.78 -6.29
N ILE A 181 16.47 5.87 -5.26
CA ILE A 181 16.57 4.97 -4.13
C ILE A 181 16.39 3.53 -4.60
N LEU A 182 15.41 3.33 -5.49
CA LEU A 182 15.15 2.00 -6.05
C LEU A 182 16.39 1.47 -6.77
N ALA A 183 16.97 2.31 -7.63
CA ALA A 183 18.16 1.93 -8.41
C ALA A 183 19.37 1.62 -7.55
N SER A 184 19.41 2.19 -6.34
CA SER A 184 20.54 1.94 -5.43
C SER A 184 20.30 0.75 -4.50
N GLY A 185 19.18 0.07 -4.69
CA GLY A 185 18.86 -1.09 -3.87
C GLY A 185 18.24 -0.74 -2.51
N GLY A 186 17.59 0.42 -2.45
CA GLY A 186 16.98 0.85 -1.20
C GLY A 186 15.93 -0.07 -0.59
N PRO A 187 14.97 -0.57 -1.39
CA PRO A 187 13.94 -1.47 -0.85
C PRO A 187 14.48 -2.65 -0.04
N GLN A 188 15.44 -3.39 -0.59
CA GLN A 188 15.99 -4.53 0.13
C GLN A 188 16.66 -4.12 1.44
N ALA A 189 17.42 -3.02 1.42
CA ALA A 189 18.11 -2.54 2.60
C ALA A 189 17.12 -2.09 3.68
N LEU A 190 16.04 -1.45 3.26
CA LEU A 190 15.03 -0.99 4.20
C LEU A 190 14.26 -2.17 4.80
N VAL A 191 13.92 -3.16 3.98
CA VAL A 191 13.23 -4.33 4.48
C VAL A 191 14.12 -5.07 5.46
N ASN A 192 15.42 -5.15 5.17
CA ASN A 192 16.35 -5.82 6.08
C ASN A 192 16.28 -5.15 7.45
N ILE A 193 16.23 -3.82 7.48
CA ILE A 193 16.14 -3.10 8.73
C ILE A 193 14.88 -3.47 9.52
N MET A 194 13.76 -3.59 8.82
CA MET A 194 12.50 -3.93 9.47
C MET A 194 12.53 -5.33 10.06
N ARG A 195 13.22 -6.25 9.40
CA ARG A 195 13.31 -7.63 9.86
C ARG A 195 14.42 -7.90 10.86
N THR A 196 15.35 -6.96 11.00
CA THR A 196 16.48 -7.16 11.90
C THR A 196 16.45 -6.44 13.24
N TYR A 197 16.11 -5.15 13.22
CA TYR A 197 16.13 -4.36 14.43
C TYR A 197 14.84 -4.21 15.22
N THR A 198 15.00 -3.81 16.49
CA THR A 198 13.86 -3.63 17.38
C THR A 198 13.75 -2.21 17.89
N TYR A 199 14.75 -1.39 17.58
CA TYR A 199 14.75 0.01 17.99
C TYR A 199 13.56 0.71 17.33
N GLU A 200 12.57 1.06 18.14
CA GLU A 200 11.34 1.69 17.67
C GLU A 200 11.49 2.93 16.80
N LYS A 201 12.37 3.85 17.19
CA LYS A 201 12.54 5.06 16.39
C LYS A 201 13.04 4.74 14.98
N LEU A 202 13.93 3.75 14.88
CA LEU A 202 14.45 3.34 13.59
C LEU A 202 13.36 2.62 12.78
N LEU A 203 12.62 1.74 13.46
CA LEU A 203 11.55 1.02 12.77
C LEU A 203 10.58 2.06 12.21
N TRP A 204 10.28 3.09 13.01
CA TRP A 204 9.39 4.16 12.60
C TRP A 204 9.94 4.99 11.42
N THR A 205 11.16 5.51 11.54
CA THR A 205 11.72 6.31 10.44
C THR A 205 11.80 5.47 9.16
N THR A 206 12.15 4.20 9.31
CA THR A 206 12.26 3.31 8.18
C THR A 206 10.87 3.02 7.55
N SER A 207 9.84 2.87 8.39
CA SER A 207 8.49 2.59 7.89
C SER A 207 7.98 3.79 7.10
N ARG A 208 8.42 4.99 7.49
CA ARG A 208 8.01 6.21 6.81
C ARG A 208 8.58 6.25 5.39
N VAL A 209 9.81 5.76 5.23
CA VAL A 209 10.45 5.72 3.92
C VAL A 209 9.73 4.71 3.05
N LEU A 210 9.51 3.52 3.59
CA LEU A 210 8.79 2.46 2.87
C LEU A 210 7.38 2.90 2.46
N LYS A 211 6.73 3.69 3.30
CA LYS A 211 5.39 4.18 2.99
C LYS A 211 5.46 5.07 1.73
N VAL A 212 6.44 5.97 1.72
CA VAL A 212 6.67 6.88 0.61
C VAL A 212 6.99 6.11 -0.67
N LEU A 213 7.80 5.08 -0.56
CA LEU A 213 8.18 4.26 -1.72
C LEU A 213 7.05 3.37 -2.22
N SER A 214 6.20 2.91 -1.31
CA SER A 214 5.12 1.99 -1.65
C SER A 214 4.10 2.54 -2.64
N VAL A 215 4.10 3.85 -2.87
CA VAL A 215 3.16 4.45 -3.81
C VAL A 215 3.78 4.59 -5.21
N CYS A 216 5.02 4.12 -5.35
CA CYS A 216 5.75 4.16 -6.62
C CYS A 216 5.59 2.79 -7.27
N SER A 217 5.03 2.78 -8.49
CA SER A 217 4.80 1.52 -9.20
C SER A 217 6.06 0.69 -9.42
N SER A 218 7.22 1.34 -9.42
CA SER A 218 8.49 0.63 -9.61
C SER A 218 9.05 0.07 -8.30
N ASN A 219 8.85 0.81 -7.22
CA ASN A 219 9.34 0.39 -5.91
C ASN A 219 8.45 -0.68 -5.26
N LYS A 220 7.16 -0.65 -5.54
CA LYS A 220 6.24 -1.62 -4.96
C LYS A 220 6.68 -3.08 -5.16
N PRO A 221 6.89 -3.52 -6.42
CA PRO A 221 7.32 -4.90 -6.62
C PRO A 221 8.65 -5.26 -5.98
N ALA A 222 9.56 -4.30 -5.90
CA ALA A 222 10.87 -4.55 -5.29
C ALA A 222 10.75 -4.74 -3.77
N ILE A 223 9.84 -3.99 -3.14
CA ILE A 223 9.63 -4.11 -1.71
C ILE A 223 9.03 -5.47 -1.37
N VAL A 224 8.03 -5.87 -2.15
CA VAL A 224 7.37 -7.15 -1.94
C VAL A 224 8.35 -8.33 -2.07
N GLU A 225 9.09 -8.37 -3.18
CA GLU A 225 10.05 -9.44 -3.43
C GLU A 225 11.17 -9.51 -2.40
N ALA A 226 11.43 -8.39 -1.73
CA ALA A 226 12.47 -8.34 -0.72
C ALA A 226 11.98 -8.93 0.61
N GLY A 227 10.68 -9.17 0.71
CA GLY A 227 10.12 -9.73 1.93
C GLY A 227 9.43 -8.67 2.77
N GLY A 228 9.10 -7.55 2.12
CA GLY A 228 8.46 -6.45 2.80
C GLY A 228 7.12 -6.72 3.48
N MET A 229 6.27 -7.53 2.88
CA MET A 229 4.97 -7.80 3.49
C MET A 229 5.17 -8.51 4.83
N GLN A 230 6.03 -9.53 4.83
CA GLN A 230 6.29 -10.29 6.03
C GLN A 230 7.00 -9.47 7.13
N ALA A 231 7.92 -8.61 6.72
CA ALA A 231 8.65 -7.77 7.66
C ALA A 231 7.75 -6.73 8.32
N LEU A 232 6.91 -6.07 7.52
CA LEU A 232 6.00 -5.08 8.08
C LEU A 232 4.97 -5.77 8.97
N GLY A 233 4.54 -6.96 8.56
CA GLY A 233 3.56 -7.70 9.35
C GLY A 233 4.06 -8.02 10.75
N LEU A 234 5.37 -8.23 10.85
CA LEU A 234 6.01 -8.57 12.13
C LEU A 234 5.76 -7.50 13.21
N HIS A 235 5.48 -6.27 12.80
CA HIS A 235 5.29 -5.21 13.77
C HIS A 235 3.88 -4.69 13.95
N LEU A 236 2.89 -5.39 13.39
CA LEU A 236 1.52 -4.92 13.52
C LEU A 236 0.98 -5.04 14.94
N THR A 237 1.72 -5.72 15.82
CA THR A 237 1.30 -5.88 17.21
C THR A 237 2.17 -5.08 18.19
N ASP A 238 3.19 -4.41 17.67
CA ASP A 238 4.07 -3.59 18.50
C ASP A 238 3.25 -2.50 19.20
N PRO A 239 3.66 -2.09 20.42
CA PRO A 239 2.98 -1.06 21.21
C PRO A 239 2.94 0.33 20.58
N SER A 240 3.82 0.57 19.61
CA SER A 240 3.87 1.87 18.95
C SER A 240 2.74 2.00 17.93
N GLN A 241 1.76 2.85 18.23
CA GLN A 241 0.63 3.07 17.34
C GLN A 241 1.06 3.67 16.00
N ARG A 242 1.99 4.63 16.05
CA ARG A 242 2.46 5.28 14.83
C ARG A 242 3.15 4.27 13.92
N LEU A 243 3.84 3.30 14.51
CA LEU A 243 4.53 2.28 13.74
C LEU A 243 3.53 1.32 13.12
N VAL A 244 2.54 0.90 13.90
CA VAL A 244 1.52 -0.02 13.41
C VAL A 244 0.77 0.62 12.24
N GLN A 245 0.39 1.89 12.40
CA GLN A 245 -0.34 2.61 11.37
C GLN A 245 0.49 2.72 10.08
N ASN A 246 1.75 3.08 10.21
CA ASN A 246 2.62 3.19 9.04
C ASN A 246 2.76 1.86 8.32
N CYS A 247 2.91 0.77 9.07
CA CYS A 247 3.03 -0.54 8.48
C CYS A 247 1.73 -0.91 7.76
N LEU A 248 0.59 -0.61 8.39
CA LEU A 248 -0.71 -0.92 7.79
C LEU A 248 -0.93 -0.16 6.48
N TRP A 249 -0.68 1.14 6.49
CA TRP A 249 -0.87 1.93 5.28
C TRP A 249 0.03 1.42 4.18
N THR A 250 1.27 1.11 4.53
CA THR A 250 2.25 0.62 3.57
C THR A 250 1.82 -0.74 3.03
N LEU A 251 1.43 -1.63 3.94
CA LEU A 251 0.98 -2.96 3.54
C LEU A 251 -0.18 -2.83 2.56
N ARG A 252 -1.09 -1.90 2.82
CA ARG A 252 -2.24 -1.74 1.92
C ARG A 252 -1.79 -1.32 0.53
N ASN A 253 -0.90 -0.33 0.46
CA ASN A 253 -0.38 0.16 -0.83
C ASN A 253 0.29 -0.95 -1.64
N LEU A 254 0.98 -1.85 -0.94
CA LEU A 254 1.70 -2.96 -1.58
C LEU A 254 0.83 -4.18 -1.90
N SER A 255 -0.25 -4.35 -1.14
CA SER A 255 -1.12 -5.52 -1.25
C SER A 255 -1.48 -6.05 -2.64
N ASP A 256 -1.82 -5.16 -3.59
CA ASP A 256 -2.18 -5.67 -4.90
C ASP A 256 -1.04 -6.30 -5.68
N ALA A 257 0.16 -6.27 -5.08
CA ALA A 257 1.34 -6.84 -5.71
C ALA A 257 1.92 -8.01 -4.91
N ALA A 258 1.29 -8.35 -3.79
CA ALA A 258 1.80 -9.43 -2.93
C ALA A 258 0.93 -10.67 -2.90
N THR A 259 0.08 -10.84 -3.90
CA THR A 259 -0.82 -11.98 -3.93
C THR A 259 -0.15 -13.30 -4.27
N LYS A 260 1.16 -13.27 -4.51
CA LYS A 260 1.89 -14.48 -4.85
C LYS A 260 2.96 -14.84 -3.82
N GLN A 261 2.99 -14.11 -2.71
CA GLN A 261 3.97 -14.35 -1.65
C GLN A 261 3.57 -15.46 -0.68
N GLU A 262 4.58 -16.20 -0.20
CA GLU A 262 4.40 -17.29 0.75
C GLU A 262 4.82 -16.82 2.14
N GLY A 263 4.54 -17.64 3.16
CA GLY A 263 4.90 -17.27 4.52
C GLY A 263 4.11 -16.06 5.01
N MET A 264 2.87 -15.95 4.56
CA MET A 264 1.98 -14.84 4.92
C MET A 264 1.04 -15.22 6.07
N GLU A 265 1.20 -16.43 6.58
CA GLU A 265 0.35 -16.94 7.67
C GLU A 265 0.24 -15.97 8.83
N GLY A 266 1.40 -15.56 9.36
CA GLY A 266 1.41 -14.65 10.49
C GLY A 266 0.71 -13.32 10.22
N LEU A 267 0.99 -12.73 9.06
CA LEU A 267 0.38 -11.47 8.68
C LEU A 267 -1.14 -11.59 8.58
N LEU A 268 -1.60 -12.63 7.87
CA LEU A 268 -3.04 -12.82 7.70
C LEU A 268 -3.75 -12.94 9.04
N GLY A 269 -3.16 -13.71 9.95
CA GLY A 269 -3.76 -13.89 11.26
C GLY A 269 -3.91 -12.58 12.03
N THR A 270 -2.86 -11.77 12.03
CA THR A 270 -2.92 -10.50 12.74
C THR A 270 -3.92 -9.55 12.09
N LEU A 271 -3.98 -9.54 10.77
CA LEU A 271 -4.93 -8.66 10.06
C LEU A 271 -6.38 -8.97 10.44
N VAL A 272 -6.69 -10.25 10.58
CA VAL A 272 -8.06 -10.65 10.95
C VAL A 272 -8.37 -10.13 12.36
N GLN A 273 -7.40 -10.27 13.26
CA GLN A 273 -7.59 -9.80 14.63
C GLN A 273 -7.78 -8.29 14.65
N LEU A 274 -7.09 -7.59 13.75
CA LEU A 274 -7.19 -6.13 13.67
C LEU A 274 -8.56 -5.64 13.21
N LEU A 275 -9.34 -6.52 12.61
CA LEU A 275 -10.68 -6.12 12.15
C LEU A 275 -11.53 -5.85 13.39
N GLY A 276 -11.13 -6.43 14.51
CA GLY A 276 -11.88 -6.23 15.74
C GLY A 276 -11.45 -4.99 16.52
N SER A 277 -10.65 -4.14 15.88
CA SER A 277 -10.17 -2.91 16.52
C SER A 277 -11.25 -1.83 16.62
N ASP A 278 -11.15 -0.99 17.64
CA ASP A 278 -12.09 0.11 17.82
C ASP A 278 -11.67 1.24 16.90
N ASP A 279 -10.41 1.21 16.47
CA ASP A 279 -9.88 2.23 15.57
C ASP A 279 -10.39 1.91 14.17
N ILE A 280 -11.39 2.65 13.72
CA ILE A 280 -11.99 2.42 12.41
C ILE A 280 -10.97 2.51 11.28
N ASN A 281 -9.93 3.31 11.47
CA ASN A 281 -8.90 3.45 10.44
C ASN A 281 -8.11 2.15 10.32
N VAL A 282 -7.88 1.47 11.45
CA VAL A 282 -7.16 0.21 11.42
C VAL A 282 -8.03 -0.85 10.75
N VAL A 283 -9.32 -0.82 11.06
CA VAL A 283 -10.27 -1.76 10.48
C VAL A 283 -10.30 -1.62 8.96
N THR A 284 -10.46 -0.38 8.50
CA THR A 284 -10.52 -0.08 7.08
C THR A 284 -9.27 -0.59 6.33
N CYS A 285 -8.09 -0.30 6.86
CA CYS A 285 -6.86 -0.76 6.22
C CYS A 285 -6.75 -2.27 6.17
N ALA A 286 -7.01 -2.92 7.30
CA ALA A 286 -6.91 -4.37 7.37
C ALA A 286 -7.86 -5.04 6.39
N ALA A 287 -9.05 -4.46 6.24
CA ALA A 287 -10.04 -5.03 5.33
C ALA A 287 -9.53 -4.92 3.89
N GLY A 288 -8.96 -3.77 3.57
CA GLY A 288 -8.43 -3.56 2.24
C GLY A 288 -7.29 -4.52 1.93
N ILE A 289 -6.41 -4.70 2.89
CA ILE A 289 -5.28 -5.61 2.70
C ILE A 289 -5.77 -7.04 2.54
N LEU A 290 -6.72 -7.45 3.38
CA LEU A 290 -7.26 -8.80 3.29
C LEU A 290 -7.95 -9.07 1.96
N SER A 291 -8.66 -8.07 1.45
CA SER A 291 -9.35 -8.24 0.16
C SER A 291 -8.33 -8.52 -0.94
N ASN A 292 -7.25 -7.74 -1.00
CA ASN A 292 -6.26 -7.97 -2.05
C ASN A 292 -5.47 -9.25 -1.86
N LEU A 293 -5.09 -9.56 -0.62
CA LEU A 293 -4.31 -10.77 -0.37
C LEU A 293 -5.09 -12.08 -0.59
N THR A 294 -6.42 -12.00 -0.57
CA THR A 294 -7.22 -13.20 -0.79
C THR A 294 -7.56 -13.37 -2.27
N CYS A 295 -7.21 -12.40 -3.09
CA CYS A 295 -7.50 -12.45 -4.52
C CYS A 295 -6.72 -13.54 -5.24
N ASN A 296 -7.45 -14.56 -5.70
CA ASN A 296 -6.87 -15.69 -6.43
C ASN A 296 -5.71 -16.41 -5.74
N ASN A 297 -5.79 -16.56 -4.42
CA ASN A 297 -4.75 -17.26 -3.67
C ASN A 297 -5.44 -18.19 -2.66
N TYR A 298 -5.70 -19.42 -3.08
CA TYR A 298 -6.40 -20.38 -2.22
C TYR A 298 -5.74 -20.59 -0.86
N LYS A 299 -4.41 -20.54 -0.82
CA LYS A 299 -3.70 -20.72 0.44
C LYS A 299 -4.08 -19.61 1.43
N ASN A 300 -4.08 -18.37 0.96
CA ASN A 300 -4.43 -17.26 1.84
C ASN A 300 -5.90 -17.34 2.28
N LYS A 301 -6.79 -17.73 1.38
CA LYS A 301 -8.22 -17.84 1.72
C LYS A 301 -8.36 -18.87 2.84
N MET A 302 -7.70 -20.02 2.66
CA MET A 302 -7.73 -21.08 3.66
C MET A 302 -7.35 -20.57 5.04
N MET A 303 -6.22 -19.88 5.11
CA MET A 303 -5.73 -19.35 6.39
C MET A 303 -6.69 -18.33 7.01
N VAL A 304 -7.20 -17.42 6.20
CA VAL A 304 -8.11 -16.41 6.71
C VAL A 304 -9.37 -17.09 7.28
N CYS A 305 -9.90 -18.06 6.55
CA CYS A 305 -11.10 -18.76 7.02
C CYS A 305 -10.84 -19.51 8.32
N GLN A 306 -9.69 -20.18 8.41
CA GLN A 306 -9.33 -20.95 9.59
C GLN A 306 -9.22 -20.15 10.88
N VAL A 307 -8.93 -18.85 10.77
CA VAL A 307 -8.80 -18.03 11.97
C VAL A 307 -10.03 -17.15 12.24
N GLY A 308 -11.18 -17.56 11.70
CA GLY A 308 -12.40 -16.81 11.92
C GLY A 308 -12.60 -15.55 11.10
N GLY A 309 -12.00 -15.53 9.90
CA GLY A 309 -12.11 -14.35 9.05
C GLY A 309 -13.52 -14.04 8.58
N ILE A 310 -14.32 -15.06 8.29
CA ILE A 310 -15.69 -14.83 7.84
C ILE A 310 -16.44 -14.02 8.89
N GLU A 311 -16.47 -14.52 10.13
CA GLU A 311 -17.17 -13.82 11.20
C GLU A 311 -16.65 -12.39 11.38
N ALA A 312 -15.33 -12.23 11.41
CA ALA A 312 -14.75 -10.89 11.58
C ALA A 312 -15.18 -9.96 10.46
N LEU A 313 -15.21 -10.46 9.23
CA LEU A 313 -15.61 -9.64 8.09
C LEU A 313 -17.11 -9.31 8.11
N VAL A 314 -17.92 -10.23 8.59
CA VAL A 314 -19.36 -9.96 8.67
C VAL A 314 -19.58 -8.84 9.69
N ARG A 315 -18.93 -8.95 10.84
CA ARG A 315 -19.04 -7.94 11.89
C ARG A 315 -18.57 -6.59 11.36
N THR A 316 -17.52 -6.59 10.55
CA THR A 316 -16.99 -5.36 9.97
C THR A 316 -18.05 -4.71 9.07
N VAL A 317 -18.74 -5.50 8.27
CA VAL A 317 -19.77 -4.98 7.38
C VAL A 317 -20.90 -4.35 8.19
N LEU A 318 -21.30 -5.02 9.27
CA LEU A 318 -22.35 -4.52 10.14
C LEU A 318 -21.95 -3.20 10.80
N ARG A 319 -20.71 -3.11 11.26
CA ARG A 319 -20.23 -1.88 11.90
C ARG A 319 -20.10 -0.73 10.91
N ALA A 320 -19.71 -1.03 9.68
CA ALA A 320 -19.51 -0.01 8.64
C ALA A 320 -20.73 0.80 8.23
N GLY A 321 -21.91 0.18 8.22
CA GLY A 321 -23.10 0.90 7.80
C GLY A 321 -23.02 1.30 6.35
N ASP A 322 -23.26 2.58 6.07
CA ASP A 322 -23.22 3.08 4.70
C ASP A 322 -21.82 3.55 4.27
N ARG A 323 -20.81 3.25 5.07
CA ARG A 323 -19.44 3.66 4.75
C ARG A 323 -18.86 2.64 3.77
N GLU A 324 -18.90 3.01 2.49
CA GLU A 324 -18.43 2.14 1.43
C GLU A 324 -16.93 1.94 1.32
N ASP A 325 -16.14 2.76 1.98
CA ASP A 325 -14.70 2.56 1.95
C ASP A 325 -14.36 1.40 2.87
N ILE A 326 -15.35 0.96 3.65
CA ILE A 326 -15.15 -0.19 4.53
C ILE A 326 -15.92 -1.39 3.96
N THR A 327 -17.16 -1.16 3.53
CA THR A 327 -17.93 -2.28 3.00
C THR A 327 -17.40 -2.85 1.69
N GLU A 328 -16.90 -2.00 0.78
CA GLU A 328 -16.41 -2.55 -0.48
C GLU A 328 -15.31 -3.59 -0.26
N PRO A 329 -14.22 -3.22 0.44
CA PRO A 329 -13.18 -4.23 0.65
C PRO A 329 -13.63 -5.43 1.49
N ALA A 330 -14.43 -5.18 2.53
CA ALA A 330 -14.90 -6.28 3.36
C ALA A 330 -15.75 -7.25 2.54
N ILE A 331 -16.60 -6.70 1.66
CA ILE A 331 -17.46 -7.53 0.82
C ILE A 331 -16.61 -8.24 -0.24
N CYS A 332 -15.68 -7.51 -0.84
CA CYS A 332 -14.82 -8.13 -1.86
C CYS A 332 -14.06 -9.28 -1.25
N ALA A 333 -13.61 -9.10 -0.01
CA ALA A 333 -12.88 -10.12 0.72
C ALA A 333 -13.77 -11.34 0.96
N LEU A 334 -15.03 -11.10 1.35
CA LEU A 334 -15.95 -12.21 1.59
C LEU A 334 -16.19 -12.94 0.28
N ARG A 335 -16.24 -12.20 -0.82
CA ARG A 335 -16.45 -12.77 -2.15
C ARG A 335 -15.31 -13.75 -2.45
N HIS A 336 -14.08 -13.28 -2.25
CA HIS A 336 -12.90 -14.13 -2.49
C HIS A 336 -12.92 -15.37 -1.60
N LEU A 337 -13.30 -15.20 -0.35
CA LEU A 337 -13.33 -16.29 0.61
C LEU A 337 -14.42 -17.32 0.38
N THR A 338 -15.40 -17.00 -0.46
CA THR A 338 -16.48 -17.94 -0.70
C THR A 338 -16.44 -18.66 -2.03
N SER A 339 -15.25 -18.73 -2.64
CA SER A 339 -15.11 -19.44 -3.91
C SER A 339 -13.71 -19.98 -4.18
N ARG A 340 -13.69 -21.08 -4.92
CA ARG A 340 -12.46 -21.73 -5.37
C ARG A 340 -11.34 -22.09 -4.40
N HIS A 341 -11.70 -22.76 -3.31
CA HIS A 341 -10.71 -23.25 -2.36
C HIS A 341 -11.38 -24.32 -1.49
N GLN A 342 -10.56 -25.19 -0.90
CA GLN A 342 -11.08 -26.30 -0.10
C GLN A 342 -12.16 -25.96 0.93
N GLU A 343 -12.06 -24.79 1.56
CA GLU A 343 -13.05 -24.41 2.58
C GLU A 343 -14.07 -23.37 2.11
N ALA A 344 -14.24 -23.24 0.79
CA ALA A 344 -15.19 -22.29 0.25
C ALA A 344 -16.61 -22.64 0.71
N GLU A 345 -16.92 -23.94 0.73
CA GLU A 345 -18.25 -24.41 1.16
C GLU A 345 -18.52 -24.02 2.61
N MET A 346 -17.52 -24.22 3.47
CA MET A 346 -17.63 -23.85 4.87
C MET A 346 -17.85 -22.34 4.98
N ALA A 347 -17.15 -21.57 4.15
CA ALA A 347 -17.26 -20.11 4.17
C ALA A 347 -18.65 -19.63 3.75
N GLN A 348 -19.20 -20.25 2.71
CA GLN A 348 -20.53 -19.91 2.22
C GLN A 348 -21.55 -20.10 3.34
N ASN A 349 -21.38 -21.16 4.13
CA ASN A 349 -22.29 -21.43 5.25
C ASN A 349 -22.05 -20.50 6.43
N ALA A 350 -20.79 -20.14 6.66
CA ALA A 350 -20.44 -19.28 7.77
C ALA A 350 -21.04 -17.89 7.61
N VAL A 351 -21.08 -17.37 6.39
CA VAL A 351 -21.66 -16.06 6.19
C VAL A 351 -23.11 -16.10 6.69
N ARG A 352 -23.80 -17.20 6.43
CA ARG A 352 -25.18 -17.34 6.87
C ARG A 352 -25.26 -17.57 8.37
N LEU A 353 -24.42 -18.48 8.89
CA LEU A 353 -24.45 -18.79 10.30
C LEU A 353 -24.00 -17.62 11.18
N HIS A 354 -23.32 -16.65 10.59
CA HIS A 354 -22.89 -15.49 11.36
C HIS A 354 -23.78 -14.28 11.09
N TYR A 355 -25.04 -14.58 10.73
CA TYR A 355 -26.10 -13.59 10.49
C TYR A 355 -25.85 -12.54 9.42
N GLY A 356 -25.08 -12.88 8.40
CA GLY A 356 -24.79 -11.91 7.37
C GLY A 356 -25.66 -11.83 6.11
N LEU A 357 -26.56 -12.78 5.89
CA LEU A 357 -27.36 -12.72 4.67
C LEU A 357 -28.21 -11.44 4.54
N PRO A 358 -28.90 -11.03 5.62
CA PRO A 358 -29.70 -9.81 5.51
C PRO A 358 -28.92 -8.54 5.14
N VAL A 359 -27.76 -8.32 5.77
CA VAL A 359 -27.00 -7.11 5.44
C VAL A 359 -26.40 -7.18 4.04
N VAL A 360 -25.99 -8.37 3.62
CA VAL A 360 -25.44 -8.54 2.28
C VAL A 360 -26.49 -8.17 1.24
N VAL A 361 -27.72 -8.65 1.41
CA VAL A 361 -28.76 -8.32 0.45
C VAL A 361 -29.08 -6.82 0.51
N LYS A 362 -29.14 -6.25 1.72
CA LYS A 362 -29.43 -4.82 1.87
C LYS A 362 -28.44 -3.97 1.07
N LEU A 363 -27.18 -4.39 1.05
CA LEU A 363 -26.16 -3.64 0.32
C LEU A 363 -26.41 -3.54 -1.18
N LEU A 364 -27.34 -4.33 -1.70
CA LEU A 364 -27.66 -4.26 -3.13
C LEU A 364 -28.51 -3.00 -3.40
N HIS A 365 -29.08 -2.44 -2.33
CA HIS A 365 -29.94 -1.27 -2.45
C HIS A 365 -29.26 0.08 -2.18
N PRO A 366 -29.89 1.18 -2.66
CA PRO A 366 -29.32 2.51 -2.43
C PRO A 366 -29.16 2.67 -0.91
N PRO A 367 -28.25 3.53 -0.45
CA PRO A 367 -27.33 4.42 -1.16
C PRO A 367 -26.05 3.79 -1.74
N SER A 368 -25.98 2.45 -1.76
CA SER A 368 -24.80 1.79 -2.30
C SER A 368 -24.50 2.23 -3.73
N HIS A 369 -23.22 2.42 -4.04
CA HIS A 369 -22.82 2.81 -5.39
C HIS A 369 -22.43 1.55 -6.17
N TRP A 370 -22.32 1.67 -7.49
CA TRP A 370 -21.99 0.54 -8.35
C TRP A 370 -20.80 -0.35 -7.95
N PRO A 371 -19.66 0.25 -7.54
CA PRO A 371 -18.53 -0.61 -7.18
C PRO A 371 -18.93 -1.60 -6.09
N LEU A 372 -19.60 -1.11 -5.06
CA LEU A 372 -20.04 -1.96 -3.97
C LEU A 372 -21.12 -2.93 -4.44
N ILE A 373 -22.07 -2.46 -5.26
CA ILE A 373 -23.11 -3.34 -5.74
C ILE A 373 -22.51 -4.49 -6.57
N LYS A 374 -21.55 -4.15 -7.42
CA LYS A 374 -20.89 -5.16 -8.24
C LYS A 374 -20.31 -6.25 -7.35
N ALA A 375 -19.58 -5.84 -6.33
CA ALA A 375 -18.96 -6.80 -5.41
C ALA A 375 -20.00 -7.62 -4.65
N THR A 376 -21.07 -6.97 -4.23
CA THR A 376 -22.13 -7.63 -3.48
C THR A 376 -22.83 -8.68 -4.34
N VAL A 377 -23.05 -8.37 -5.61
CA VAL A 377 -23.69 -9.31 -6.52
C VAL A 377 -22.77 -10.53 -6.61
N GLY A 378 -21.46 -10.28 -6.72
CA GLY A 378 -20.50 -11.37 -6.80
C GLY A 378 -20.53 -12.26 -5.59
N LEU A 379 -20.66 -11.65 -4.41
CA LEU A 379 -20.71 -12.42 -3.17
C LEU A 379 -21.99 -13.26 -3.12
N ILE A 380 -23.12 -12.67 -3.51
CA ILE A 380 -24.37 -13.40 -3.48
C ILE A 380 -24.31 -14.59 -4.45
N ARG A 381 -23.64 -14.38 -5.58
CA ARG A 381 -23.42 -15.43 -6.58
C ARG A 381 -22.70 -16.60 -5.93
N ASN A 382 -21.68 -16.24 -5.12
CA ASN A 382 -20.99 -17.33 -4.40
C ASN A 382 -21.83 -18.00 -3.35
N LEU A 383 -22.53 -17.18 -2.57
CA LEU A 383 -23.33 -17.69 -1.46
C LEU A 383 -24.38 -18.67 -1.99
N ALA A 384 -24.92 -18.36 -3.17
CA ALA A 384 -25.94 -19.19 -3.81
C ALA A 384 -25.44 -20.59 -4.18
N LEU A 385 -24.13 -20.80 -4.18
CA LEU A 385 -23.59 -22.12 -4.51
C LEU A 385 -23.95 -23.11 -3.42
N CYS A 386 -24.22 -22.59 -2.23
CA CYS A 386 -24.59 -23.40 -1.07
C CYS A 386 -26.13 -23.49 -1.02
N PRO A 387 -26.69 -24.70 -1.22
CA PRO A 387 -28.15 -24.86 -1.18
C PRO A 387 -28.85 -24.34 0.06
N ALA A 388 -28.20 -24.43 1.22
CA ALA A 388 -28.78 -23.94 2.46
C ALA A 388 -28.97 -22.42 2.41
N ASN A 389 -28.39 -21.77 1.41
CA ASN A 389 -28.55 -20.33 1.28
C ASN A 389 -29.65 -19.94 0.29
N HIS A 390 -30.17 -20.92 -0.45
CA HIS A 390 -31.21 -20.64 -1.43
C HIS A 390 -32.45 -19.95 -0.85
N ALA A 391 -33.05 -20.55 0.17
CA ALA A 391 -34.24 -19.99 0.78
C ALA A 391 -33.99 -18.66 1.50
N PRO A 392 -32.95 -18.59 2.35
CA PRO A 392 -32.66 -17.35 3.06
C PRO A 392 -32.50 -16.16 2.10
N LEU A 393 -31.80 -16.39 0.99
CA LEU A 393 -31.59 -15.34 0.01
C LEU A 393 -32.90 -14.93 -0.64
N ARG A 394 -33.78 -15.90 -0.87
CA ARG A 394 -35.08 -15.59 -1.47
C ARG A 394 -35.89 -14.75 -0.49
N GLU A 395 -35.99 -15.23 0.75
CA GLU A 395 -36.74 -14.53 1.80
C GLU A 395 -36.27 -13.10 2.05
N GLN A 396 -35.01 -12.79 1.78
CA GLN A 396 -34.51 -11.43 1.99
C GLN A 396 -34.75 -10.56 0.77
N GLY A 397 -35.40 -11.11 -0.25
CA GLY A 397 -35.71 -10.34 -1.43
C GLY A 397 -34.59 -10.19 -2.46
N ALA A 398 -33.61 -11.09 -2.42
CA ALA A 398 -32.49 -11.02 -3.36
C ALA A 398 -32.89 -11.12 -4.84
N ILE A 399 -33.81 -12.03 -5.16
CA ILE A 399 -34.20 -12.22 -6.55
C ILE A 399 -34.74 -10.97 -7.25
N PRO A 400 -35.79 -10.34 -6.70
CA PRO A 400 -36.37 -9.14 -7.32
C PRO A 400 -35.34 -8.03 -7.55
N ARG A 401 -34.47 -7.80 -6.56
CA ARG A 401 -33.47 -6.74 -6.71
C ARG A 401 -32.43 -7.09 -7.78
N LEU A 402 -31.99 -8.35 -7.82
CA LEU A 402 -31.02 -8.79 -8.82
C LEU A 402 -31.61 -8.55 -10.21
N VAL A 403 -32.88 -8.89 -10.38
CA VAL A 403 -33.58 -8.68 -11.64
C VAL A 403 -33.65 -7.18 -11.98
N GLN A 404 -33.93 -6.37 -10.96
CA GLN A 404 -34.00 -4.93 -11.17
C GLN A 404 -32.67 -4.38 -11.69
N LEU A 405 -31.59 -4.83 -11.06
CA LEU A 405 -30.24 -4.39 -11.45
C LEU A 405 -29.93 -4.85 -12.87
N LEU A 406 -30.30 -6.09 -13.17
CA LEU A 406 -30.08 -6.67 -14.49
C LEU A 406 -30.79 -5.83 -15.56
N VAL A 407 -32.09 -5.60 -15.35
CA VAL A 407 -32.88 -4.80 -16.30
C VAL A 407 -32.24 -3.43 -16.52
N ARG A 408 -31.90 -2.75 -15.43
CA ARG A 408 -31.25 -1.41 -15.55
C ARG A 408 -29.93 -1.50 -16.30
N ALA A 409 -29.07 -2.42 -15.88
CA ALA A 409 -27.76 -2.56 -16.52
C ALA A 409 -27.89 -2.88 -18.01
N HIS A 410 -28.78 -3.80 -18.35
CA HIS A 410 -28.99 -4.19 -19.74
C HIS A 410 -29.46 -2.99 -20.56
N GLN A 411 -30.33 -2.18 -19.96
CA GLN A 411 -30.86 -1.00 -20.61
C GLN A 411 -29.69 -0.13 -21.09
N ASP A 412 -28.77 0.15 -20.18
CA ASP A 412 -27.61 0.97 -20.48
C ASP A 412 -26.75 0.40 -21.61
N THR A 413 -26.48 -0.90 -21.57
CA THR A 413 -25.65 -1.53 -22.60
C THR A 413 -26.28 -1.40 -23.99
N GLN A 414 -27.58 -1.13 -24.02
CA GLN A 414 -28.29 -0.96 -25.27
C GLN A 414 -28.16 0.49 -25.74
N PHE A 426 -18.37 2.63 -18.94
CA PHE A 426 -18.12 2.90 -17.49
C PHE A 426 -19.18 3.80 -16.86
N VAL A 427 -20.04 3.19 -16.05
CA VAL A 427 -21.09 3.93 -15.34
C VAL A 427 -20.74 3.94 -13.87
N GLU A 428 -20.41 5.13 -13.35
CA GLU A 428 -20.03 5.28 -11.95
C GLU A 428 -18.79 4.42 -11.68
N GLY A 429 -17.96 4.27 -12.72
CA GLY A 429 -16.73 3.50 -12.60
C GLY A 429 -16.85 2.01 -12.92
N VAL A 430 -18.06 1.54 -13.16
CA VAL A 430 -18.27 0.13 -13.46
C VAL A 430 -18.87 -0.07 -14.84
N ARG A 431 -18.49 -1.14 -15.52
CA ARG A 431 -19.03 -1.42 -16.84
C ARG A 431 -20.36 -2.14 -16.60
N MET A 432 -21.45 -1.60 -17.14
CA MET A 432 -22.74 -2.23 -16.94
C MET A 432 -22.77 -3.68 -17.44
N GLU A 433 -21.96 -3.99 -18.45
CA GLU A 433 -21.91 -5.35 -18.96
C GLU A 433 -21.53 -6.31 -17.84
N GLU A 434 -20.69 -5.84 -16.92
CA GLU A 434 -20.26 -6.66 -15.80
C GLU A 434 -21.40 -6.92 -14.83
N ILE A 435 -22.32 -5.96 -14.72
CA ILE A 435 -23.47 -6.12 -13.83
C ILE A 435 -24.43 -7.14 -14.45
N VAL A 436 -24.61 -7.06 -15.77
CA VAL A 436 -25.50 -8.00 -16.48
C VAL A 436 -24.99 -9.42 -16.27
N GLU A 437 -23.69 -9.60 -16.51
CA GLU A 437 -23.06 -10.91 -16.36
C GLU A 437 -23.19 -11.41 -14.93
N GLY A 438 -22.91 -10.52 -13.97
CA GLY A 438 -23.00 -10.88 -12.57
C GLY A 438 -24.38 -11.22 -12.06
N CYS A 439 -25.37 -10.39 -12.37
CA CYS A 439 -26.73 -10.66 -11.92
C CYS A 439 -27.27 -11.93 -12.56
N THR A 440 -27.06 -12.07 -13.86
CA THR A 440 -27.54 -13.25 -14.57
C THR A 440 -26.85 -14.50 -14.07
N GLY A 441 -25.58 -14.37 -13.66
CA GLY A 441 -24.88 -15.54 -13.15
C GLY A 441 -25.45 -15.92 -11.79
N ALA A 442 -25.75 -14.92 -10.98
CA ALA A 442 -26.32 -15.15 -9.65
C ALA A 442 -27.66 -15.84 -9.81
N LEU A 443 -28.46 -15.36 -10.76
CA LEU A 443 -29.78 -15.93 -11.00
C LEU A 443 -29.67 -17.35 -11.54
N HIS A 444 -28.64 -17.62 -12.34
CA HIS A 444 -28.41 -18.95 -12.90
C HIS A 444 -28.25 -19.93 -11.73
N ILE A 445 -27.42 -19.57 -10.76
CA ILE A 445 -27.20 -20.45 -9.62
C ILE A 445 -28.45 -20.56 -8.74
N LEU A 446 -29.12 -19.44 -8.51
CA LEU A 446 -30.33 -19.45 -7.69
C LEU A 446 -31.44 -20.28 -8.32
N ALA A 447 -31.41 -20.39 -9.65
CA ALA A 447 -32.42 -21.15 -10.38
C ALA A 447 -32.29 -22.66 -10.21
N ARG A 448 -31.27 -23.09 -9.47
CA ARG A 448 -31.08 -24.51 -9.20
C ARG A 448 -32.20 -24.97 -8.27
N ASP A 449 -32.83 -24.00 -7.59
CA ASP A 449 -33.89 -24.27 -6.63
C ASP A 449 -35.28 -24.11 -7.24
N VAL A 450 -36.09 -25.17 -7.18
CA VAL A 450 -37.44 -25.15 -7.74
C VAL A 450 -38.27 -23.95 -7.31
N HIS A 451 -38.22 -23.59 -6.03
CA HIS A 451 -38.97 -22.44 -5.53
C HIS A 451 -38.46 -21.13 -6.14
N ASN A 452 -37.14 -20.99 -6.24
CA ASN A 452 -36.57 -19.79 -6.82
C ASN A 452 -36.94 -19.68 -8.30
N ARG A 453 -37.08 -20.80 -8.99
CA ARG A 453 -37.43 -20.80 -10.42
C ARG A 453 -38.80 -20.16 -10.65
N ILE A 454 -39.71 -20.38 -9.71
CA ILE A 454 -41.06 -19.82 -9.77
C ILE A 454 -40.99 -18.30 -9.63
N VAL A 455 -40.21 -17.84 -8.66
CA VAL A 455 -40.06 -16.40 -8.44
C VAL A 455 -39.43 -15.73 -9.65
N ILE A 456 -38.35 -16.33 -10.14
CA ILE A 456 -37.63 -15.80 -11.30
C ILE A 456 -38.57 -15.74 -12.51
N ARG A 457 -39.32 -16.82 -12.71
CA ARG A 457 -40.28 -16.94 -13.81
C ARG A 457 -41.38 -15.88 -13.69
N GLY A 458 -41.87 -15.70 -12.47
CA GLY A 458 -42.93 -14.73 -12.22
C GLY A 458 -42.58 -13.28 -12.44
N LEU A 459 -41.30 -12.95 -12.49
CA LEU A 459 -40.88 -11.57 -12.71
C LEU A 459 -40.75 -11.24 -14.19
N ASN A 460 -41.30 -12.13 -15.03
CA ASN A 460 -41.25 -11.95 -16.49
C ASN A 460 -39.82 -11.69 -16.94
N THR A 461 -38.93 -12.65 -16.67
CA THR A 461 -37.52 -12.52 -17.01
C THR A 461 -37.10 -13.29 -18.26
N ILE A 462 -37.90 -14.28 -18.65
CA ILE A 462 -37.56 -15.09 -19.81
C ILE A 462 -37.30 -14.30 -21.09
N PRO A 463 -38.17 -13.35 -21.44
CA PRO A 463 -37.88 -12.60 -22.66
C PRO A 463 -36.51 -11.91 -22.60
N LEU A 464 -36.15 -11.36 -21.45
CA LEU A 464 -34.86 -10.70 -21.27
C LEU A 464 -33.71 -11.71 -21.38
N PHE A 465 -33.88 -12.88 -20.76
CA PHE A 465 -32.83 -13.89 -20.82
C PHE A 465 -32.58 -14.35 -22.24
N VAL A 466 -33.65 -14.46 -23.03
CA VAL A 466 -33.52 -14.87 -24.42
C VAL A 466 -32.76 -13.82 -25.23
N GLN A 467 -33.02 -12.55 -24.92
CA GLN A 467 -32.35 -11.45 -25.62
C GLN A 467 -30.84 -11.49 -25.36
N LEU A 468 -30.46 -11.88 -24.15
CA LEU A 468 -29.04 -11.95 -23.78
C LEU A 468 -28.26 -13.01 -24.56
N LEU A 469 -28.95 -13.93 -25.23
CA LEU A 469 -28.29 -14.95 -26.02
C LEU A 469 -27.63 -14.27 -27.22
N TYR A 470 -28.12 -13.08 -27.54
CA TYR A 470 -27.62 -12.30 -28.67
C TYR A 470 -26.49 -11.37 -28.24
N SER A 471 -26.11 -11.44 -26.96
CA SER A 471 -25.04 -10.59 -26.46
C SER A 471 -23.71 -10.92 -27.11
N PRO A 472 -22.93 -9.89 -27.46
CA PRO A 472 -21.62 -10.11 -28.09
C PRO A 472 -20.60 -10.62 -27.07
N ILE A 473 -20.97 -10.58 -25.79
CA ILE A 473 -20.09 -11.03 -24.72
C ILE A 473 -20.30 -12.51 -24.42
N GLU A 474 -19.28 -13.32 -24.68
CA GLU A 474 -19.33 -14.76 -24.46
C GLU A 474 -19.82 -15.17 -23.07
N ASN A 475 -19.29 -14.52 -22.04
CA ASN A 475 -19.69 -14.84 -20.68
C ASN A 475 -21.15 -14.52 -20.38
N ILE A 476 -21.74 -13.57 -21.11
CA ILE A 476 -23.14 -13.23 -20.88
C ILE A 476 -24.02 -14.27 -21.54
N GLN A 477 -23.61 -14.74 -22.72
CA GLN A 477 -24.37 -15.77 -23.42
C GLN A 477 -24.37 -17.04 -22.57
N ARG A 478 -23.25 -17.31 -21.92
CA ARG A 478 -23.13 -18.50 -21.10
C ARG A 478 -24.10 -18.51 -19.91
N VAL A 479 -24.10 -17.44 -19.12
CA VAL A 479 -24.99 -17.38 -17.96
C VAL A 479 -26.45 -17.28 -18.37
N ALA A 480 -26.72 -16.67 -19.53
CA ALA A 480 -28.08 -16.52 -20.01
C ALA A 480 -28.61 -17.92 -20.37
N ALA A 481 -27.81 -18.67 -21.11
CA ALA A 481 -28.18 -20.03 -21.52
C ALA A 481 -28.26 -20.92 -20.29
N GLY A 482 -27.37 -20.68 -19.33
CA GLY A 482 -27.37 -21.44 -18.10
C GLY A 482 -28.66 -21.27 -17.31
N VAL A 483 -29.10 -20.04 -17.15
CA VAL A 483 -30.33 -19.81 -16.39
C VAL A 483 -31.55 -20.30 -17.17
N LEU A 484 -31.50 -20.21 -18.49
CA LEU A 484 -32.62 -20.71 -19.31
C LEU A 484 -32.63 -22.23 -19.21
N CYS A 485 -31.45 -22.84 -19.17
CA CYS A 485 -31.33 -24.29 -19.05
C CYS A 485 -32.01 -24.75 -17.76
N GLU A 486 -31.75 -24.06 -16.66
CA GLU A 486 -32.35 -24.42 -15.37
C GLU A 486 -33.86 -24.21 -15.42
N LEU A 487 -34.29 -23.05 -15.94
CA LEU A 487 -35.71 -22.77 -16.03
C LEU A 487 -36.46 -23.77 -16.91
N ALA A 488 -35.84 -24.21 -18.00
CA ALA A 488 -36.48 -25.14 -18.93
C ALA A 488 -36.86 -26.49 -18.31
N GLN A 489 -36.38 -26.77 -17.11
CA GLN A 489 -36.68 -28.04 -16.43
C GLN A 489 -38.17 -28.17 -16.18
N ASP A 490 -38.87 -27.04 -16.17
CA ASP A 490 -40.30 -27.01 -15.93
C ASP A 490 -41.05 -26.77 -17.25
N LYS A 491 -41.91 -27.72 -17.60
CA LYS A 491 -42.69 -27.67 -18.84
C LYS A 491 -43.19 -26.29 -19.26
N GLU A 492 -44.04 -25.69 -18.44
CA GLU A 492 -44.59 -24.37 -18.74
C GLU A 492 -43.51 -23.35 -19.06
N ALA A 493 -42.39 -23.41 -18.34
CA ALA A 493 -41.28 -22.50 -18.55
C ALA A 493 -40.64 -22.78 -19.91
N ALA A 494 -40.36 -24.05 -20.17
CA ALA A 494 -39.74 -24.44 -21.43
C ALA A 494 -40.64 -23.97 -22.57
N GLU A 495 -41.95 -23.94 -22.32
CA GLU A 495 -42.92 -23.50 -23.31
C GLU A 495 -42.81 -22.00 -23.54
N ALA A 496 -42.70 -21.25 -22.43
CA ALA A 496 -42.59 -19.80 -22.52
C ALA A 496 -41.29 -19.41 -23.21
N ILE A 497 -40.24 -20.18 -22.93
CA ILE A 497 -38.94 -19.93 -23.54
C ILE A 497 -39.02 -20.16 -25.05
N GLU A 498 -39.72 -21.22 -25.44
CA GLU A 498 -39.86 -21.52 -26.86
C GLU A 498 -40.68 -20.45 -27.56
N ALA A 499 -41.78 -20.04 -26.92
CA ALA A 499 -42.66 -19.02 -27.50
C ALA A 499 -41.95 -17.69 -27.75
N GLU A 500 -40.83 -17.48 -27.07
CA GLU A 500 -40.07 -16.25 -27.22
C GLU A 500 -39.12 -16.30 -28.42
N GLY A 501 -39.15 -17.41 -29.15
CA GLY A 501 -38.30 -17.56 -30.31
C GLY A 501 -36.86 -17.88 -29.95
N ALA A 502 -36.67 -18.56 -28.83
CA ALA A 502 -35.33 -18.92 -28.37
C ALA A 502 -34.68 -20.01 -29.20
N THR A 503 -35.49 -20.80 -29.88
CA THR A 503 -34.99 -21.90 -30.70
C THR A 503 -33.93 -21.50 -31.72
N ALA A 504 -34.19 -20.46 -32.48
CA ALA A 504 -33.26 -20.01 -33.50
C ALA A 504 -31.87 -19.73 -32.94
N PRO A 505 -31.77 -18.77 -32.00
CA PRO A 505 -30.46 -18.46 -31.41
C PRO A 505 -29.78 -19.64 -30.71
N LEU A 506 -30.54 -20.41 -29.94
CA LEU A 506 -29.97 -21.56 -29.22
C LEU A 506 -29.36 -22.58 -30.17
N THR A 507 -29.97 -22.71 -31.34
CA THR A 507 -29.46 -23.65 -32.35
C THR A 507 -28.13 -23.16 -32.89
N GLU A 508 -28.01 -21.84 -33.08
CA GLU A 508 -26.76 -21.27 -33.57
C GLU A 508 -25.69 -21.40 -32.51
N LEU A 509 -26.10 -21.32 -31.25
CA LEU A 509 -25.17 -21.41 -30.13
C LEU A 509 -24.59 -22.81 -29.95
N LEU A 510 -25.17 -23.79 -30.63
CA LEU A 510 -24.64 -25.15 -30.53
C LEU A 510 -23.22 -25.11 -31.10
N HIS A 511 -22.95 -24.08 -31.91
CA HIS A 511 -21.64 -23.90 -32.53
C HIS A 511 -20.76 -22.90 -31.78
N SER A 512 -21.11 -22.60 -30.53
CA SER A 512 -20.35 -21.67 -29.73
C SER A 512 -18.93 -22.16 -29.44
N ARG A 513 -17.99 -21.23 -29.35
CA ARG A 513 -16.60 -21.58 -29.07
C ARG A 513 -16.50 -21.92 -27.57
N ASN A 514 -17.54 -21.53 -26.83
CA ASN A 514 -17.60 -21.77 -25.40
C ASN A 514 -18.37 -23.06 -25.12
N GLU A 515 -17.69 -24.03 -24.51
CA GLU A 515 -18.29 -25.32 -24.18
C GLU A 515 -19.55 -25.17 -23.33
N GLY A 516 -19.51 -24.24 -22.38
CA GLY A 516 -20.65 -24.02 -21.51
C GLY A 516 -21.87 -23.55 -22.29
N VAL A 517 -21.66 -22.57 -23.16
CA VAL A 517 -22.74 -22.03 -23.98
C VAL A 517 -23.35 -23.15 -24.82
N ALA A 518 -22.49 -23.84 -25.57
CA ALA A 518 -22.94 -24.94 -26.43
C ALA A 518 -23.72 -26.02 -25.68
N THR A 519 -23.19 -26.41 -24.51
CA THR A 519 -23.84 -27.43 -23.70
C THR A 519 -25.20 -26.97 -23.16
N TYR A 520 -25.24 -25.77 -22.58
CA TYR A 520 -26.49 -25.24 -22.04
C TYR A 520 -27.53 -25.11 -23.16
N ALA A 521 -27.10 -24.64 -24.33
CA ALA A 521 -28.00 -24.48 -25.46
C ALA A 521 -28.64 -25.81 -25.84
N ALA A 522 -27.82 -26.85 -25.94
CA ALA A 522 -28.31 -28.18 -26.29
C ALA A 522 -29.32 -28.67 -25.26
N ALA A 523 -29.05 -28.37 -24.00
CA ALA A 523 -29.93 -28.77 -22.90
C ALA A 523 -31.29 -28.11 -23.02
N VAL A 524 -31.33 -26.83 -23.37
CA VAL A 524 -32.59 -26.11 -23.52
C VAL A 524 -33.36 -26.63 -24.73
N LEU A 525 -32.65 -26.88 -25.83
CA LEU A 525 -33.29 -27.38 -27.05
C LEU A 525 -33.93 -28.74 -26.75
N PHE A 526 -33.21 -29.59 -26.03
CA PHE A 526 -33.73 -30.90 -25.69
C PHE A 526 -35.01 -30.77 -24.86
N ARG A 527 -34.99 -29.84 -23.91
CA ARG A 527 -36.14 -29.64 -23.04
C ARG A 527 -37.35 -29.01 -23.73
N MET A 528 -37.11 -28.14 -24.70
CA MET A 528 -38.21 -27.51 -25.41
C MET A 528 -38.94 -28.55 -26.26
N SER A 529 -38.24 -29.64 -26.55
CA SER A 529 -38.83 -30.73 -27.32
C SER A 529 -39.11 -31.87 -26.37
N LEU B 1 -15.95 -22.45 -10.01
CA LEU B 1 -17.37 -21.99 -9.91
C LEU B 1 -17.49 -20.74 -9.02
N GLY B 2 -18.24 -19.75 -9.49
CA GLY B 2 -18.43 -18.54 -8.72
C GLY B 2 -17.93 -17.25 -9.36
N ALA B 3 -18.14 -16.15 -8.66
CA ALA B 3 -17.72 -14.84 -9.16
C ALA B 3 -16.19 -14.82 -9.30
N ASN B 4 -15.70 -13.94 -10.15
CA ASN B 4 -14.26 -13.80 -10.34
C ASN B 4 -13.67 -12.85 -9.29
N ASP B 5 -12.51 -13.18 -8.76
CA ASP B 5 -11.85 -12.33 -7.76
C ASP B 5 -11.28 -11.11 -8.48
N GLU B 6 -11.17 -10.00 -7.78
CA GLU B 6 -10.63 -8.78 -8.39
C GLU B 6 -9.85 -7.95 -7.37
N LEU B 7 -8.82 -7.26 -7.86
CA LEU B 7 -8.01 -6.42 -6.99
C LEU B 7 -8.65 -5.04 -6.85
N ILE B 8 -8.28 -4.36 -5.76
CA ILE B 8 -8.77 -3.02 -5.52
C ILE B 8 -7.54 -2.13 -5.53
N SER B 9 -7.65 -0.98 -6.16
CA SER B 9 -6.51 -0.08 -6.19
C SER B 9 -6.69 0.98 -5.12
N PHE B 10 -5.60 1.30 -4.44
CA PHE B 10 -5.61 2.31 -3.40
C PHE B 10 -4.63 3.40 -3.84
N LYS B 11 -4.55 3.59 -5.15
CA LYS B 11 -3.66 4.58 -5.73
C LYS B 11 -3.96 5.96 -5.17
N ASP B 12 -5.20 6.40 -5.28
CA ASP B 12 -5.60 7.72 -4.79
C ASP B 12 -5.42 7.81 -3.28
N GLU B 13 -5.82 6.78 -2.56
CA GLU B 13 -5.69 6.77 -1.10
C GLU B 13 -4.24 7.01 -0.69
N GLY B 14 -3.31 6.35 -1.38
CA GLY B 14 -1.90 6.48 -1.05
C GLY B 14 -1.23 7.77 -1.53
N GLU B 15 -1.67 8.29 -2.66
CA GLU B 15 -1.08 9.51 -3.22
C GLU B 15 -1.68 10.78 -2.62
N GLN B 16 -2.68 10.62 -1.77
CA GLN B 16 -3.36 11.75 -1.14
C GLN B 16 -2.44 12.66 -0.31
N GLU B 17 -1.76 12.07 0.67
CA GLU B 17 -0.87 12.82 1.55
C GLU B 17 0.18 13.68 0.83
N GLU B 18 1.06 13.01 0.08
CA GLU B 18 2.12 13.70 -0.65
C GLU B 18 1.64 14.79 -1.58
N LYS B 19 0.33 14.80 -1.87
CA LYS B 19 -0.21 15.82 -2.76
C LYS B 19 -0.88 16.95 -2.02
N SER B 20 -1.69 16.61 -1.02
CA SER B 20 -2.43 17.62 -0.26
C SER B 20 -1.72 18.18 0.97
N SER B 21 -1.05 17.31 1.72
CA SER B 21 -0.38 17.75 2.94
C SER B 21 1.15 17.79 2.89
N GLU B 22 1.72 18.73 3.65
CA GLU B 22 3.17 18.88 3.72
C GLU B 22 3.75 17.74 4.54
N ASN B 23 5.03 17.44 4.34
CA ASN B 23 5.68 16.35 5.07
C ASN B 23 5.92 16.69 6.54
N SER B 24 5.73 15.69 7.40
CA SER B 24 5.92 15.84 8.84
C SER B 24 7.39 15.87 9.25
N SER B 25 7.65 16.43 10.43
CA SER B 25 9.02 16.52 10.96
C SER B 25 9.24 15.53 12.10
N ALA B 26 10.39 14.87 12.08
CA ALA B 26 10.73 13.88 13.12
C ALA B 26 11.85 14.38 14.02
N GLU B 27 12.08 15.69 14.02
CA GLU B 27 13.13 16.28 14.83
C GLU B 27 12.95 16.02 16.33
N ARG B 28 11.72 16.12 16.82
CA ARG B 28 11.44 15.89 18.23
C ARG B 28 12.00 14.56 18.68
N ASP B 29 11.77 13.53 17.87
CA ASP B 29 12.25 12.19 18.17
C ASP B 29 13.74 11.98 17.93
N LEU B 30 14.28 12.62 16.91
CA LEU B 30 15.69 12.44 16.56
C LEU B 30 16.71 13.38 17.18
N ALA B 31 16.25 14.50 17.73
CA ALA B 31 17.17 15.46 18.35
C ALA B 31 18.11 14.78 19.34
N ASP B 32 17.54 14.03 20.29
CA ASP B 32 18.34 13.34 21.29
C ASP B 32 19.18 12.24 20.65
N VAL B 33 18.62 11.60 19.63
CA VAL B 33 19.34 10.53 18.93
C VAL B 33 20.59 11.08 18.27
N LYS B 34 20.47 12.26 17.65
CA LYS B 34 21.61 12.88 16.98
C LYS B 34 22.68 13.35 17.97
N SER B 35 22.27 14.03 19.03
CA SER B 35 23.24 14.49 20.01
C SER B 35 23.98 13.30 20.63
N SER B 36 23.26 12.22 20.88
CA SER B 36 23.85 11.02 21.45
C SER B 36 24.86 10.37 20.51
N LEU B 37 24.48 10.28 19.24
CA LEU B 37 25.37 9.67 18.25
C LEU B 37 26.68 10.45 18.18
N VAL B 38 26.57 11.77 18.15
CA VAL B 38 27.75 12.64 18.07
C VAL B 38 28.65 12.49 19.29
#